data_6PJV
#
_entry.id   6PJV
#
_cell.length_a   118.728
_cell.length_b   118.728
_cell.length_c   118.728
_cell.angle_alpha   90.000
_cell.angle_beta   90.000
_cell.angle_gamma   90.000
#
_symmetry.space_group_name_H-M   'I 2 3'
#
loop_
_entity.id
_entity.type
_entity.pdbx_description
1 polymer 'Sonic hedgehog protein'
2 non-polymer 'DIMETHYL SULFOXIDE'
3 non-polymer GLYCEROL
4 non-polymer 'MAGNESIUM ION'
5 non-polymer 'ZINC ION'
6 non-polymer 'CHLORIDE ION'
7 water water
#
_entity_poly.entity_id   1
_entity_poly.type   'polypeptide(L)'
_entity_poly.pdbx_seq_one_letter_code
;GFGKRRHPKKLTPLAYKQFIPNVAEKTLGASGRYEGKISRNSERFKELTPNYNPDIIFKDEENTGADRLMTQRCKDKLNA
LAISVMNQWPGVKLRVTEGWDEDGHHSEESLHYEGRAVDITTSDRDRSKYGMLARLAVEAGFDWVYYESKAHIHCSVKAE
NSVAAKSGG
;
_entity_poly.pdbx_strand_id   A
#
loop_
_chem_comp.id
_chem_comp.type
_chem_comp.name
_chem_comp.formula
CL non-polymer 'CHLORIDE ION' 'Cl -1'
DMS non-polymer 'DIMETHYL SULFOXIDE' 'C2 H6 O S'
GOL non-polymer GLYCEROL 'C3 H8 O3'
MG non-polymer 'MAGNESIUM ION' 'Mg 2'
ZN non-polymer 'ZINC ION' 'Zn 2'
#
# COMPACT_ATOMS: atom_id res chain seq x y z
N LEU A 11 -17.66 -5.51 10.01
CA LEU A 11 -16.78 -5.46 8.84
C LEU A 11 -16.45 -6.85 8.32
N THR A 12 -16.50 -7.00 7.01
CA THR A 12 -16.29 -8.30 6.40
CA THR A 12 -16.29 -8.30 6.40
C THR A 12 -14.90 -8.38 5.79
N PRO A 13 -14.10 -9.38 6.15
CA PRO A 13 -12.77 -9.51 5.54
C PRO A 13 -12.88 -9.76 4.05
N LEU A 14 -11.84 -9.35 3.33
CA LEU A 14 -11.70 -9.76 1.94
C LEU A 14 -11.23 -11.20 1.87
N ALA A 15 -11.66 -11.89 0.81
CA ALA A 15 -11.19 -13.23 0.47
C ALA A 15 -9.88 -13.14 -0.30
N TYR A 16 -9.13 -14.24 -0.29
CA TYR A 16 -7.91 -14.34 -1.07
C TYR A 16 -8.22 -14.02 -2.54
N LYS A 17 -7.41 -13.13 -3.13
CA LYS A 17 -7.51 -12.65 -4.51
CA LYS A 17 -7.51 -12.65 -4.51
C LYS A 17 -8.71 -11.76 -4.78
N GLN A 18 -9.49 -11.41 -3.76
CA GLN A 18 -10.55 -10.43 -3.94
C GLN A 18 -9.95 -9.02 -3.99
N PHE A 19 -10.62 -8.12 -4.71
CA PHE A 19 -10.26 -6.72 -4.77
C PHE A 19 -11.48 -5.81 -4.64
N ILE A 20 -11.27 -4.67 -4.00
N ILE A 20 -11.28 -4.68 -3.97
CA ILE A 20 -12.33 -3.70 -3.69
CA ILE A 20 -12.35 -3.72 -3.71
C ILE A 20 -11.82 -2.30 -4.00
C ILE A 20 -11.82 -2.31 -3.99
N PRO A 21 -12.51 -1.50 -4.81
CA PRO A 21 -13.74 -1.87 -5.53
C PRO A 21 -13.47 -2.96 -6.56
N ASN A 22 -14.54 -3.66 -6.94
CA ASN A 22 -14.46 -4.84 -7.80
C ASN A 22 -14.36 -4.44 -9.28
N VAL A 23 -13.29 -3.70 -9.57
CA VAL A 23 -12.91 -3.26 -10.91
C VAL A 23 -11.39 -3.27 -10.97
N ALA A 24 -10.84 -3.16 -12.17
CA ALA A 24 -9.39 -3.15 -12.30
C ALA A 24 -8.80 -1.92 -11.61
N GLU A 25 -7.58 -2.10 -11.08
CA GLU A 25 -6.93 -1.07 -10.27
C GLU A 25 -6.85 0.27 -10.97
N LYS A 26 -6.55 0.30 -12.26
CA LYS A 26 -6.26 1.57 -12.91
CA LYS A 26 -6.26 1.57 -12.90
C LYS A 26 -7.49 2.20 -13.56
N THR A 27 -8.69 1.68 -13.28
CA THR A 27 -9.90 2.34 -13.75
C THR A 27 -10.23 3.55 -12.88
N LEU A 28 -11.07 4.43 -13.45
CA LEU A 28 -11.31 5.74 -12.84
C LEU A 28 -11.92 5.64 -11.45
N GLY A 29 -12.77 4.66 -11.22
CA GLY A 29 -13.36 4.51 -9.91
C GLY A 29 -12.48 3.86 -8.88
N ALA A 30 -11.31 3.40 -9.29
CA ALA A 30 -10.33 2.80 -8.39
C ALA A 30 -9.16 3.76 -8.22
N SER A 31 -7.94 3.35 -8.52
CA SER A 31 -6.79 4.22 -8.38
C SER A 31 -6.47 5.04 -9.63
N GLY A 32 -7.13 4.78 -10.74
CA GLY A 32 -6.89 5.56 -11.93
C GLY A 32 -5.58 5.20 -12.61
N ARG A 33 -5.34 5.87 -13.74
CA ARG A 33 -4.29 5.47 -14.66
C ARG A 33 -2.90 5.65 -14.05
N TYR A 34 -1.96 4.83 -14.53
CA TYR A 34 -0.57 5.09 -14.24
C TYR A 34 -0.16 6.40 -14.91
N GLU A 35 0.78 7.10 -14.30
CA GLU A 35 1.31 8.32 -14.88
C GLU A 35 2.71 8.16 -15.42
N GLY A 36 3.41 7.11 -15.03
CA GLY A 36 4.78 6.87 -15.48
C GLY A 36 5.70 6.56 -14.32
N LYS A 37 6.68 5.70 -14.59
CA LYS A 37 7.66 5.36 -13.57
C LYS A 37 8.34 6.61 -13.02
N ILE A 38 8.61 6.60 -11.72
CA ILE A 38 9.40 7.62 -11.04
C ILE A 38 10.77 7.02 -10.74
N SER A 39 11.83 7.68 -11.21
CA SER A 39 13.20 7.32 -10.90
C SER A 39 13.80 8.28 -9.88
N ARG A 40 14.75 7.75 -9.12
CA ARG A 40 15.43 8.56 -8.12
C ARG A 40 15.97 9.85 -8.72
N ASN A 41 15.75 10.94 -7.98
CA ASN A 41 16.23 12.31 -8.22
C ASN A 41 15.47 13.03 -9.34
N SER A 42 14.43 12.42 -9.88
CA SER A 42 13.55 13.09 -10.82
C SER A 42 12.72 14.14 -10.10
N GLU A 43 12.13 15.05 -10.88
CA GLU A 43 11.25 16.04 -10.27
C GLU A 43 10.10 15.39 -9.55
N ARG A 44 9.53 14.31 -10.10
CA ARG A 44 8.43 13.65 -9.43
C ARG A 44 8.89 12.90 -8.18
N PHE A 45 10.13 12.43 -8.17
CA PHE A 45 10.69 11.82 -6.96
C PHE A 45 10.76 12.85 -5.84
N LYS A 46 11.14 14.09 -6.16
CA LYS A 46 11.24 15.14 -5.14
C LYS A 46 9.89 15.50 -4.54
N GLU A 47 8.78 15.15 -5.21
CA GLU A 47 7.45 15.39 -4.66
C GLU A 47 6.95 14.25 -3.77
N LEU A 48 7.65 13.12 -3.76
CA LEU A 48 7.34 12.07 -2.80
C LEU A 48 7.77 12.51 -1.42
N THR A 49 7.16 11.89 -0.42
CA THR A 49 7.45 12.24 0.96
C THR A 49 7.83 10.97 1.72
N PRO A 50 8.82 11.04 2.60
CA PRO A 50 9.19 9.83 3.35
C PRO A 50 8.29 9.60 4.53
N ASN A 51 7.98 8.33 4.78
CA ASN A 51 7.19 7.93 5.92
C ASN A 51 8.09 7.26 6.95
N TYR A 52 8.27 7.94 8.10
CA TYR A 52 8.99 7.41 9.25
C TYR A 52 8.08 7.19 10.44
N ASN A 53 6.78 7.00 10.18
CA ASN A 53 5.82 6.76 11.24
C ASN A 53 6.31 5.64 12.15
N PRO A 54 6.49 5.89 13.46
CA PRO A 54 6.98 4.82 14.33
C PRO A 54 6.00 3.69 14.52
N ASP A 55 4.75 3.86 14.12
CA ASP A 55 3.76 2.81 14.22
C ASP A 55 3.62 1.99 12.94
N ILE A 56 4.57 2.10 12.02
CA ILE A 56 4.60 1.25 10.83
C ILE A 56 5.97 0.59 10.79
N ILE A 57 5.99 -0.72 10.58
CA ILE A 57 7.23 -1.48 10.39
C ILE A 57 7.51 -1.54 8.90
N PHE A 58 8.70 -1.09 8.47
CA PHE A 58 9.13 -1.22 7.09
C PHE A 58 10.18 -2.31 7.01
N LYS A 59 9.87 -3.39 6.28
CA LYS A 59 10.84 -4.45 6.07
C LYS A 59 12.11 -3.91 5.42
N ASP A 60 11.96 -3.06 4.40
CA ASP A 60 13.08 -2.38 3.76
C ASP A 60 14.24 -3.34 3.48
N GLU A 61 13.94 -4.43 2.76
CA GLU A 61 14.95 -5.46 2.55
C GLU A 61 16.16 -4.93 1.78
N GLU A 62 15.98 -3.95 0.90
CA GLU A 62 17.08 -3.38 0.14
C GLU A 62 17.99 -2.49 0.97
N ASN A 63 17.56 -2.11 2.17
N ASN A 63 17.57 -2.12 2.18
CA ASN A 63 18.34 -1.24 3.05
CA ASN A 63 18.37 -1.23 3.04
C ASN A 63 18.60 0.13 2.43
C ASN A 63 18.66 0.11 2.35
N THR A 64 17.65 0.61 1.62
CA THR A 64 17.74 1.91 0.99
C THR A 64 16.71 2.89 1.52
N GLY A 65 15.70 2.42 2.25
CA GLY A 65 14.59 3.26 2.65
C GLY A 65 13.60 3.58 1.54
N ALA A 66 13.76 2.99 0.36
CA ALA A 66 12.89 3.35 -0.75
C ALA A 66 11.42 3.11 -0.44
N ASP A 67 11.11 2.04 0.30
CA ASP A 67 9.71 1.74 0.58
C ASP A 67 9.05 2.81 1.44
N ARG A 68 9.83 3.67 2.11
CA ARG A 68 9.26 4.77 2.87
C ARG A 68 8.80 5.92 2.00
N LEU A 69 9.25 5.99 0.74
CA LEU A 69 8.97 7.14 -0.12
C LEU A 69 7.65 6.92 -0.87
N MET A 70 6.71 7.83 -0.71
CA MET A 70 5.37 7.63 -1.23
C MET A 70 4.69 8.98 -1.47
N THR A 71 3.59 8.95 -2.21
CA THR A 71 2.87 10.21 -2.40
C THR A 71 2.21 10.65 -1.10
N GLN A 72 1.81 11.92 -1.05
CA GLN A 72 1.15 12.39 0.15
C GLN A 72 -0.15 11.63 0.41
N ARG A 73 -0.93 11.35 -0.64
CA ARG A 73 -2.17 10.60 -0.45
C ARG A 73 -1.88 9.20 0.06
N CYS A 74 -0.82 8.57 -0.46
CA CYS A 74 -0.48 7.25 0.04
C CYS A 74 -0.11 7.30 1.51
N LYS A 75 0.70 8.30 1.90
CA LYS A 75 1.06 8.47 3.30
C LYS A 75 -0.18 8.72 4.17
N ASP A 76 -1.11 9.55 3.70
CA ASP A 76 -2.31 9.84 4.48
C ASP A 76 -3.12 8.56 4.73
N LYS A 77 -3.33 7.75 3.69
CA LYS A 77 -4.14 6.56 3.86
C LYS A 77 -3.38 5.51 4.66
N LEU A 78 -2.08 5.38 4.41
CA LEU A 78 -1.29 4.41 5.16
C LEU A 78 -1.26 4.75 6.64
N ASN A 79 -1.16 6.04 6.97
CA ASN A 79 -1.13 6.44 8.37
C ASN A 79 -2.48 6.23 9.03
N ALA A 80 -3.58 6.44 8.30
CA ALA A 80 -4.89 6.13 8.84
C ALA A 80 -5.02 4.63 9.10
N LEU A 81 -4.51 3.81 8.17
CA LEU A 81 -4.52 2.37 8.35
C LEU A 81 -3.66 1.96 9.55
N ALA A 82 -2.53 2.62 9.76
CA ALA A 82 -1.69 2.26 10.91
C ALA A 82 -2.47 2.44 12.21
N ILE A 83 -3.24 3.51 12.32
CA ILE A 83 -4.09 3.74 13.49
C ILE A 83 -5.13 2.63 13.61
N SER A 84 -5.77 2.28 12.49
CA SER A 84 -6.84 1.28 12.51
C SER A 84 -6.32 -0.09 12.92
N VAL A 85 -5.13 -0.47 12.47
CA VAL A 85 -4.55 -1.76 12.84
C VAL A 85 -4.36 -1.84 14.36
N MET A 86 -3.83 -0.77 14.97
CA MET A 86 -3.61 -0.76 16.41
C MET A 86 -4.91 -0.76 17.19
N ASN A 87 -5.99 -0.25 16.59
CA ASN A 87 -7.31 -0.32 17.22
C ASN A 87 -7.87 -1.73 17.16
N GLN A 88 -7.70 -2.40 16.02
CA GLN A 88 -8.28 -3.72 15.82
C GLN A 88 -7.59 -4.77 16.67
N TRP A 89 -6.26 -4.70 16.75
CA TRP A 89 -5.43 -5.70 17.42
C TRP A 89 -4.41 -4.96 18.28
N PRO A 90 -4.76 -4.68 19.53
CA PRO A 90 -3.84 -3.92 20.38
C PRO A 90 -2.44 -4.51 20.41
N GLY A 91 -1.45 -3.65 20.24
CA GLY A 91 -0.06 -4.08 20.25
C GLY A 91 0.47 -4.56 18.92
N VAL A 92 -0.38 -4.78 17.94
CA VAL A 92 0.04 -5.15 16.59
C VAL A 92 0.17 -3.89 15.75
N LYS A 93 1.10 -3.88 14.80
CA LYS A 93 1.33 -2.73 13.93
CA LYS A 93 1.34 -2.73 13.94
C LYS A 93 1.19 -3.11 12.47
N LEU A 94 0.87 -2.10 11.68
CA LEU A 94 0.96 -2.22 10.23
C LEU A 94 2.40 -2.43 9.81
N ARG A 95 2.60 -3.25 8.78
CA ARG A 95 3.92 -3.55 8.25
C ARG A 95 3.90 -3.43 6.72
N VAL A 96 4.90 -2.74 6.16
CA VAL A 96 5.03 -2.56 4.72
C VAL A 96 6.17 -3.46 4.23
N THR A 97 5.87 -4.33 3.28
CA THR A 97 6.88 -5.20 2.69
C THR A 97 7.37 -4.76 1.31
N GLU A 98 6.62 -3.89 0.63
CA GLU A 98 7.02 -3.35 -0.66
C GLU A 98 6.33 -2.01 -0.85
N GLY A 99 7.05 -1.05 -1.40
CA GLY A 99 6.51 0.26 -1.69
C GLY A 99 6.94 0.73 -3.07
N TRP A 100 7.83 1.71 -3.10
CA TRP A 100 8.37 2.28 -4.33
C TRP A 100 9.59 1.48 -4.75
N ASP A 101 9.46 0.77 -5.87
CA ASP A 101 10.47 -0.18 -6.32
C ASP A 101 11.45 0.48 -7.29
N GLU A 102 12.73 0.38 -6.97
CA GLU A 102 13.82 0.81 -7.84
C GLU A 102 14.50 -0.34 -8.57
N ASP A 103 14.08 -1.58 -8.34
CA ASP A 103 14.82 -2.75 -8.78
C ASP A 103 14.16 -3.53 -9.91
N GLY A 104 13.05 -3.04 -10.47
CA GLY A 104 12.49 -3.64 -11.67
C GLY A 104 11.70 -4.93 -11.49
N HIS A 105 11.08 -5.15 -10.33
CA HIS A 105 10.37 -6.41 -10.09
C HIS A 105 9.00 -6.47 -10.72
N HIS A 106 8.37 -5.34 -11.01
CA HIS A 106 6.95 -5.29 -11.34
C HIS A 106 6.73 -5.04 -12.83
N SER A 107 5.54 -5.40 -13.29
CA SER A 107 5.16 -5.16 -14.67
C SER A 107 5.16 -3.67 -14.98
N GLU A 108 5.35 -3.34 -16.25
CA GLU A 108 5.16 -1.97 -16.70
C GLU A 108 3.80 -1.49 -16.26
N GLU A 109 3.72 -0.21 -15.89
CA GLU A 109 2.53 0.48 -15.46
C GLU A 109 2.17 0.14 -14.03
N SER A 110 2.98 -0.63 -13.30
CA SER A 110 2.69 -0.88 -11.89
C SER A 110 2.72 0.41 -11.09
N LEU A 111 1.75 0.56 -10.18
CA LEU A 111 1.74 1.70 -9.30
C LEU A 111 2.84 1.63 -8.25
N HIS A 112 3.51 0.47 -8.09
CA HIS A 112 4.68 0.40 -7.24
C HIS A 112 5.84 1.23 -7.78
N TYR A 113 5.80 1.64 -9.05
CA TYR A 113 6.84 2.51 -9.57
C TYR A 113 6.58 3.99 -9.35
N GLU A 114 5.47 4.34 -8.69
CA GLU A 114 5.01 5.73 -8.64
C GLU A 114 4.78 6.25 -7.23
N GLY A 115 5.16 5.50 -6.20
CA GLY A 115 4.86 5.93 -4.85
C GLY A 115 3.41 5.82 -4.48
N ARG A 116 2.64 5.03 -5.25
CA ARG A 116 1.20 4.96 -5.12
C ARG A 116 0.70 3.59 -4.67
N ALA A 117 1.58 2.62 -4.42
CA ALA A 117 1.14 1.28 -4.02
C ALA A 117 2.06 0.73 -2.95
N VAL A 118 1.47 0.01 -1.99
CA VAL A 118 2.21 -0.72 -0.98
C VAL A 118 1.68 -2.14 -0.87
N ASP A 119 2.58 -3.06 -0.57
CA ASP A 119 2.23 -4.40 -0.10
C ASP A 119 2.40 -4.39 1.42
N ILE A 120 1.43 -4.94 2.14
CA ILE A 120 1.37 -4.84 3.60
C ILE A 120 1.03 -6.18 4.24
N THR A 121 1.41 -6.28 5.52
CA THR A 121 1.02 -7.36 6.42
C THR A 121 0.75 -6.73 7.78
N THR A 122 0.38 -7.56 8.76
CA THR A 122 0.52 -7.16 10.15
C THR A 122 1.92 -7.51 10.65
N SER A 123 2.31 -6.86 11.75
CA SER A 123 3.67 -7.02 12.26
C SER A 123 3.94 -8.45 12.75
N ASP A 124 2.91 -9.17 13.15
CA ASP A 124 3.05 -10.54 13.64
C ASP A 124 2.97 -11.57 12.54
N ARG A 125 2.77 -11.15 11.29
CA ARG A 125 2.69 -12.04 10.13
C ARG A 125 1.66 -13.14 10.34
N ASP A 126 0.59 -12.83 11.08
CA ASP A 126 -0.50 -13.78 11.29
C ASP A 126 -1.45 -13.68 10.10
N ARG A 127 -1.33 -14.65 9.18
CA ARG A 127 -2.10 -14.60 7.94
C ARG A 127 -3.59 -14.65 8.17
N SER A 128 -4.04 -15.18 9.31
CA SER A 128 -5.47 -15.19 9.60
C SER A 128 -6.03 -13.79 9.75
N LYS A 129 -5.16 -12.77 9.95
CA LYS A 129 -5.58 -11.39 10.03
C LYS A 129 -5.65 -10.67 8.68
N TYR A 130 -5.12 -11.26 7.61
CA TYR A 130 -4.87 -10.47 6.41
C TYR A 130 -6.16 -10.06 5.71
N GLY A 131 -7.18 -10.93 5.68
CA GLY A 131 -8.43 -10.53 5.07
C GLY A 131 -9.05 -9.34 5.78
N MET A 132 -8.97 -9.32 7.10
CA MET A 132 -9.46 -8.17 7.87
C MET A 132 -8.57 -6.95 7.67
N LEU A 133 -7.25 -7.16 7.58
CA LEU A 133 -6.35 -6.06 7.29
C LEU A 133 -6.75 -5.37 5.98
N ALA A 134 -7.08 -6.16 4.97
CA ALA A 134 -7.52 -5.61 3.70
C ALA A 134 -8.79 -4.79 3.87
N ARG A 135 -9.76 -5.29 4.63
CA ARG A 135 -10.98 -4.52 4.90
C ARG A 135 -10.66 -3.22 5.63
N LEU A 136 -9.75 -3.26 6.61
CA LEU A 136 -9.34 -2.02 7.27
C LEU A 136 -8.72 -1.04 6.29
N ALA A 137 -7.99 -1.54 5.28
CA ALA A 137 -7.38 -0.65 4.29
C ALA A 137 -8.44 0.02 3.42
N VAL A 138 -9.50 -0.71 3.06
CA VAL A 138 -10.63 -0.11 2.37
C VAL A 138 -11.24 1.01 3.23
N GLU A 139 -11.48 0.71 4.50
CA GLU A 139 -12.14 1.69 5.36
C GLU A 139 -11.25 2.89 5.64
N ALA A 140 -9.93 2.72 5.59
CA ALA A 140 -8.97 3.79 5.77
C ALA A 140 -8.85 4.69 4.55
N GLY A 141 -9.47 4.31 3.44
CA GLY A 141 -9.57 5.16 2.28
C GLY A 141 -8.66 4.85 1.12
N PHE A 142 -7.96 3.72 1.14
CA PHE A 142 -7.21 3.34 -0.05
C PHE A 142 -8.16 3.20 -1.23
N ASP A 143 -7.72 3.67 -2.39
CA ASP A 143 -8.56 3.70 -3.57
C ASP A 143 -8.72 2.33 -4.22
N TRP A 144 -7.80 1.41 -3.95
CA TRP A 144 -7.94 0.04 -4.41
C TRP A 144 -7.20 -0.85 -3.43
N VAL A 145 -7.81 -1.99 -3.10
CA VAL A 145 -7.24 -2.95 -2.18
C VAL A 145 -7.44 -4.34 -2.76
N TYR A 146 -6.38 -5.14 -2.75
CA TYR A 146 -6.34 -6.44 -3.42
C TYR A 146 -5.59 -7.42 -2.53
N TYR A 147 -6.22 -8.56 -2.25
CA TYR A 147 -5.58 -9.61 -1.46
C TYR A 147 -4.68 -10.40 -2.43
N GLU A 148 -3.51 -9.80 -2.67
CA GLU A 148 -2.70 -10.05 -3.86
C GLU A 148 -1.93 -11.37 -3.79
N SER A 149 -1.50 -11.78 -2.61
CA SER A 149 -0.87 -13.09 -2.43
C SER A 149 -1.32 -13.63 -1.07
N LYS A 150 -1.01 -14.90 -0.81
CA LYS A 150 -1.31 -15.43 0.53
C LYS A 150 -0.50 -14.74 1.60
N ALA A 151 0.57 -14.05 1.22
CA ALA A 151 1.49 -13.43 2.14
C ALA A 151 1.34 -11.92 2.29
N HIS A 152 0.46 -11.26 1.53
CA HIS A 152 0.35 -9.80 1.67
C HIS A 152 -0.90 -9.28 1.00
N ILE A 153 -1.26 -8.06 1.40
CA ILE A 153 -2.32 -7.27 0.79
C ILE A 153 -1.67 -6.14 0.01
N HIS A 154 -2.23 -5.82 -1.16
CA HIS A 154 -1.78 -4.72 -2.01
C HIS A 154 -2.78 -3.59 -1.93
N CYS A 155 -2.30 -2.37 -1.65
CA CYS A 155 -3.15 -1.20 -1.48
C CYS A 155 -2.59 -0.07 -2.32
N SER A 156 -3.46 0.65 -3.04
CA SER A 156 -2.98 1.74 -3.88
C SER A 156 -3.90 2.95 -3.82
N VAL A 157 -3.37 4.07 -4.32
CA VAL A 157 -4.06 5.35 -4.32
C VAL A 157 -4.05 6.02 -5.69
N LYS A 158 -5.07 6.86 -5.87
CA LYS A 158 -5.12 7.83 -6.95
C LYS A 158 -3.93 8.77 -6.88
N ALA A 159 -3.55 9.29 -8.05
CA ALA A 159 -2.47 10.25 -8.15
C ALA A 159 -2.90 11.60 -7.60
N GLU A 160 -1.90 12.39 -7.20
CA GLU A 160 -2.18 13.70 -6.63
C GLU A 160 -2.93 14.59 -7.61
N ASN A 161 -2.62 14.47 -8.90
CA ASN A 161 -3.25 15.31 -9.91
C ASN A 161 -4.72 14.97 -10.13
N SER A 162 -5.22 13.87 -9.57
CA SER A 162 -6.64 13.54 -9.69
C SER A 162 -7.50 14.69 -9.17
S DMS B . 14.66 8.48 2.15
O DMS B . 16.01 8.08 2.67
C1 DMS B . 13.44 7.34 2.82
C2 DMS B . 14.16 10.03 2.93
H11 DMS B . 13.42 7.39 3.87
H12 DMS B . 13.68 6.35 2.53
H13 DMS B . 12.47 7.58 2.44
H21 DMS B . 14.02 9.88 3.97
H22 DMS B . 13.25 10.38 2.50
H23 DMS B . 14.91 10.77 2.78
S DMS C . -2.77 -5.66 -10.17
O DMS C . -3.27 -4.52 -10.99
C1 DMS C . -1.56 -6.62 -11.11
C2 DMS C . -1.68 -5.01 -8.87
H11 DMS C . -0.58 -6.40 -10.76
H12 DMS C . -1.63 -6.39 -12.13
H13 DMS C . -1.76 -7.66 -10.97
H21 DMS C . -1.12 -5.81 -8.46
H22 DMS C . -2.27 -4.56 -8.11
H23 DMS C . -1.02 -4.29 -9.28
S DMS D . -7.47 -8.20 -11.06
O DMS D . -6.22 -7.84 -10.34
C1 DMS D . -7.16 -9.60 -12.17
C2 DMS D . -7.94 -6.91 -12.25
H11 DMS D . -7.91 -9.64 -12.91
H12 DMS D . -7.16 -10.50 -11.62
H13 DMS D . -6.22 -9.47 -12.64
H21 DMS D . -8.87 -7.16 -12.69
H22 DMS D . -7.20 -6.85 -13.00
H23 DMS D . -8.02 -5.99 -11.75
C1 GOL E . -8.75 -11.84 12.91
O1 GOL E . -8.12 -11.82 14.15
C2 GOL E . -9.38 -10.46 12.71
O2 GOL E . -10.22 -10.42 11.59
C3 GOL E . -10.11 -10.10 14.03
O3 GOL E . -10.72 -8.88 13.81
H11 GOL E . -9.44 -12.52 12.85
H12 GOL E . -8.13 -12.01 12.18
HO1 GOL E . -8.59 -12.32 14.65
H2 GOL E . -8.68 -9.81 12.53
HO2 GOL E . -10.89 -10.92 11.77
H31 GOL E . -9.47 -10.09 14.75
H32 GOL E . -10.73 -10.81 14.25
HO3 GOL E . -11.30 -9.01 13.20
MG MG F . 11.31 -3.83 -2.60
ZN ZN G . 1.80 -5.28 -4.93
MG MG H . 1.80 -5.29 -4.92
CL CL I . 4.17 9.92 10.06
CL CL J . 10.25 -6.79 8.84
#